data_8X5E
#
_entry.id   8X5E
#
_cell.length_a   1.00
_cell.length_b   1.00
_cell.length_c   1.00
_cell.angle_alpha   90.00
_cell.angle_beta   90.00
_cell.angle_gamma   90.00
#
_symmetry.space_group_name_H-M   'P 1'
#
loop_
_entity.id
_entity.type
_entity.pdbx_description
1 polymer 'Solute carrier family 53 member 1'
2 non-polymer 'PHOSPHATE ION'
3 non-polymer '[(2~{R})-1-[2-azanylethoxy(oxidanyl)phosphoryl]oxy-3-hexadecanoyloxy-propan-2-yl] (~{Z})-octadec-9-enoate'
#
_entity_poly.entity_id   1
_entity_poly.type   'polypeptide(L)'
_entity_poly.pdbx_seq_one_letter_code
;APAWTTFRVGLFCGIFIVLNITLVLAAVFKLETDRSIWPLIRIYRGGFLLIEFLFLLGINTYGWRQAGVNHVLIFELNPR
SNLSHQHLFEIAGFLGILWCLSLLACFFAPISVIPTYVYPLALYGFMVFFLINPTKTFYYKSRFWLLKLLFRVFTAPFHK
VGFADFWLADQLNSLSVILMDLEYMICFYSLELKWDESKGLLPNNSEESGICHKYTYGVRAIVQCIPAWLRFIQCLRRYR
DTKRAFPHLVNAGKYSTTFFMVTFAALYSTHKERGHSDTMVFFYLWIVFYIISSCYTLIWDLKMDWGLFDKNAGENTFLR
EEIVYPQKAYYYCAIIEDVILRFAWTIQISITSTTLLPHSGDIIATVFAPLEVFRRFVWNFFRLENEHLNNCGEFRAVRD
ISVAPLNADDQTLLEQMMDQDDGVRNRQKNRSWKYNQSISLRRPRLASQSKARDTKVLIEDTDDEANT
;
_entity_poly.pdbx_strand_id   A
#
# COMPACT_ATOMS: atom_id res chain seq x y z
N ALA A 1 -20.71 14.20 -13.76
CA ALA A 1 -21.30 13.50 -12.64
C ALA A 1 -22.81 13.40 -12.80
N PRO A 2 -23.27 12.34 -13.46
CA PRO A 2 -24.70 12.14 -13.67
C PRO A 2 -25.43 12.18 -12.33
N ALA A 3 -26.63 12.74 -12.30
CA ALA A 3 -27.35 12.87 -11.04
C ALA A 3 -27.34 11.55 -10.29
N TRP A 4 -27.69 10.49 -10.99
CA TRP A 4 -27.73 9.19 -10.38
C TRP A 4 -26.36 8.79 -9.86
N THR A 5 -25.31 9.25 -10.50
CA THR A 5 -23.97 8.88 -10.06
C THR A 5 -23.73 9.39 -8.65
N THR A 6 -24.12 10.64 -8.41
CA THR A 6 -23.96 11.25 -7.10
C THR A 6 -24.82 10.53 -6.09
N PHE A 7 -26.03 10.16 -6.50
CA PHE A 7 -26.97 9.48 -5.62
C PHE A 7 -26.39 8.15 -5.17
N ARG A 8 -25.77 7.42 -6.08
CA ARG A 8 -25.18 6.14 -5.73
C ARG A 8 -24.06 6.32 -4.72
N VAL A 9 -23.27 7.37 -4.88
CA VAL A 9 -22.17 7.61 -3.95
C VAL A 9 -22.72 7.80 -2.55
N GLY A 10 -23.76 8.61 -2.42
CA GLY A 10 -24.37 8.82 -1.13
C GLY A 10 -24.99 7.56 -0.57
N LEU A 11 -25.73 6.84 -1.40
CA LEU A 11 -26.41 5.64 -0.92
C LEU A 11 -25.46 4.59 -0.45
N PHE A 12 -24.40 4.36 -1.22
CA PHE A 12 -23.42 3.38 -0.84
C PHE A 12 -22.72 3.80 0.44
N CYS A 13 -22.40 5.08 0.54
CA CYS A 13 -21.75 5.60 1.74
C CYS A 13 -22.66 5.44 2.95
N GLY A 14 -23.95 5.70 2.77
CA GLY A 14 -24.91 5.62 3.85
C GLY A 14 -25.03 4.23 4.46
N ILE A 15 -25.09 3.21 3.62
CA ILE A 15 -25.16 1.84 4.11
C ILE A 15 -23.87 1.49 4.81
N PHE A 16 -22.76 1.94 4.25
CA PHE A 16 -21.45 1.69 4.79
C PHE A 16 -21.32 2.31 6.18
N ILE A 17 -21.81 3.53 6.34
CA ILE A 17 -21.73 4.20 7.64
C ILE A 17 -22.55 3.57 8.76
N VAL A 18 -23.79 3.18 8.47
CA VAL A 18 -24.64 2.59 9.50
C VAL A 18 -24.14 1.20 9.87
N LEU A 19 -23.38 0.57 8.99
CA LEU A 19 -22.90 -0.79 9.25
C LEU A 19 -21.60 -0.75 10.01
N ASN A 20 -20.71 0.14 9.60
CA ASN A 20 -19.40 0.18 10.23
C ASN A 20 -19.54 0.43 11.73
N ILE A 21 -20.66 1.01 12.14
CA ILE A 21 -20.90 1.21 13.56
C ILE A 21 -21.47 -0.08 14.13
N THR A 22 -22.19 -0.82 13.29
CA THR A 22 -22.80 -2.04 13.76
C THR A 22 -21.75 -3.01 14.24
N LEU A 23 -20.74 -3.26 13.43
CA LEU A 23 -19.74 -4.25 13.81
C LEU A 23 -19.03 -3.86 15.10
N VAL A 24 -18.80 -2.57 15.28
CA VAL A 24 -18.12 -2.10 16.47
C VAL A 24 -18.94 -2.47 17.70
N LEU A 25 -20.22 -2.11 17.68
CA LEU A 25 -21.08 -2.44 18.80
C LEU A 25 -21.20 -3.93 18.92
N ALA A 26 -21.20 -4.61 17.78
CA ALA A 26 -21.38 -6.06 17.81
C ALA A 26 -20.33 -6.70 18.68
N ALA A 27 -19.06 -6.40 18.42
CA ALA A 27 -18.01 -7.06 19.17
C ALA A 27 -18.04 -6.70 20.65
N VAL A 28 -18.16 -5.43 20.97
CA VAL A 28 -18.11 -5.01 22.37
C VAL A 28 -19.26 -5.59 23.19
N PHE A 29 -20.44 -5.70 22.58
CA PHE A 29 -21.61 -6.18 23.32
C PHE A 29 -21.91 -7.64 23.01
N LYS A 30 -21.30 -8.17 21.96
CA LYS A 30 -21.53 -9.56 21.57
C LYS A 30 -20.24 -10.25 21.15
N LEU A 31 -20.05 -11.47 21.63
CA LEU A 31 -18.84 -12.22 21.29
C LEU A 31 -18.46 -12.02 19.84
N ILE A 37 -7.93 -15.24 17.85
CA ILE A 37 -8.75 -14.38 17.01
C ILE A 37 -7.91 -13.65 15.99
N TRP A 38 -6.59 -13.67 16.19
CA TRP A 38 -5.70 -12.95 15.29
C TRP A 38 -5.80 -13.42 13.84
N PRO A 39 -6.05 -14.72 13.61
CA PRO A 39 -6.13 -15.08 12.20
C PRO A 39 -7.09 -14.19 11.45
N LEU A 40 -8.29 -13.99 12.00
CA LEU A 40 -9.30 -13.19 11.32
C LEU A 40 -8.80 -11.77 11.10
N ILE A 41 -8.17 -11.21 12.12
CA ILE A 41 -7.65 -9.85 12.01
C ILE A 41 -6.69 -9.76 10.85
N ARG A 42 -5.77 -10.70 10.77
CA ARG A 42 -4.80 -10.70 9.69
C ARG A 42 -5.51 -10.86 8.37
N ILE A 43 -6.38 -11.86 8.27
CA ILE A 43 -7.02 -12.14 6.99
C ILE A 43 -7.77 -10.94 6.42
N TYR A 44 -8.50 -10.21 7.25
CA TYR A 44 -9.30 -9.09 6.77
C TYR A 44 -8.55 -7.77 6.66
N ARG A 45 -7.35 -7.71 7.26
CA ARG A 45 -6.60 -6.47 7.24
C ARG A 45 -6.26 -6.03 5.83
N GLY A 46 -6.03 -7.00 4.94
CA GLY A 46 -5.67 -6.66 3.58
C GLY A 46 -6.74 -5.87 2.88
N GLY A 47 -7.99 -6.30 3.01
CA GLY A 47 -9.06 -5.62 2.32
C GLY A 47 -9.19 -4.17 2.69
N PHE A 48 -9.22 -3.89 3.99
CA PHE A 48 -9.38 -2.52 4.44
C PHE A 48 -8.41 -1.61 3.73
N LEU A 49 -7.13 -1.94 3.81
CA LEU A 49 -6.13 -1.06 3.22
C LEU A 49 -6.49 -0.75 1.78
N LEU A 50 -6.93 -1.75 1.04
CA LEU A 50 -7.25 -1.55 -0.36
C LEU A 50 -8.34 -0.49 -0.52
N ILE A 51 -9.46 -0.69 0.17
CA ILE A 51 -10.56 0.25 0.03
C ILE A 51 -10.13 1.63 0.47
N GLU A 52 -9.46 1.71 1.62
CA GLU A 52 -9.03 3.00 2.12
C GLU A 52 -8.16 3.66 1.09
N PHE A 53 -7.28 2.89 0.48
CA PHE A 53 -6.39 3.44 -0.52
C PHE A 53 -7.15 4.06 -1.66
N LEU A 54 -8.13 3.34 -2.19
CA LEU A 54 -8.88 3.85 -3.33
C LEU A 54 -9.58 5.14 -3.00
N PHE A 55 -10.16 5.23 -1.81
CA PHE A 55 -10.89 6.42 -1.43
C PHE A 55 -9.96 7.61 -1.41
N LEU A 56 -8.79 7.44 -0.80
CA LEU A 56 -7.86 8.56 -0.69
C LEU A 56 -7.39 9.00 -2.07
N LEU A 57 -7.20 8.03 -2.97
CA LEU A 57 -6.77 8.37 -4.32
C LEU A 57 -7.83 9.22 -4.98
N GLY A 58 -9.09 8.95 -4.66
CA GLY A 58 -10.16 9.75 -5.20
C GLY A 58 -9.99 11.19 -4.78
N ILE A 59 -9.68 11.40 -3.50
CA ILE A 59 -9.46 12.75 -3.03
C ILE A 59 -8.33 13.36 -3.83
N ASN A 60 -7.27 12.58 -4.04
CA ASN A 60 -6.14 13.08 -4.84
C ASN A 60 -6.63 13.58 -6.19
N THR A 61 -7.50 12.82 -6.84
CA THR A 61 -7.95 13.21 -8.16
C THR A 61 -8.64 14.54 -8.09
N TYR A 62 -9.50 14.70 -7.11
CA TYR A 62 -10.16 15.99 -6.93
C TYR A 62 -9.10 17.07 -6.87
N GLY A 63 -8.06 16.82 -6.08
CA GLY A 63 -7.03 17.83 -5.90
C GLY A 63 -6.31 18.19 -7.17
N TRP A 64 -5.71 17.20 -7.81
CA TRP A 64 -4.92 17.49 -9.00
C TRP A 64 -5.70 18.34 -9.98
N ARG A 65 -7.02 18.16 -10.00
CA ARG A 65 -7.85 18.93 -10.91
C ARG A 65 -7.98 20.36 -10.44
N GLN A 66 -8.62 20.57 -9.30
CA GLN A 66 -8.83 21.90 -8.78
C GLN A 66 -7.60 22.77 -9.01
N ALA A 67 -6.44 22.26 -8.66
CA ALA A 67 -5.21 23.03 -8.79
C ALA A 67 -4.86 23.29 -10.23
N GLY A 68 -5.02 22.27 -11.07
CA GLY A 68 -4.66 22.38 -12.48
C GLY A 68 -3.38 21.61 -12.75
N VAL A 69 -3.48 20.28 -12.83
CA VAL A 69 -2.27 19.47 -13.00
C VAL A 69 -2.26 18.58 -14.26
N ASN A 70 -3.33 18.63 -15.04
CA ASN A 70 -3.38 17.85 -16.28
C ASN A 70 -3.13 16.38 -16.04
N HIS A 71 -3.71 15.83 -14.98
CA HIS A 71 -3.51 14.41 -14.65
C HIS A 71 -3.61 13.55 -15.89
N VAL A 72 -4.50 13.89 -16.81
CA VAL A 72 -4.58 13.17 -18.08
C VAL A 72 -3.29 13.09 -18.89
N LEU A 73 -2.68 14.23 -19.17
CA LEU A 73 -1.48 14.24 -19.98
C LEU A 73 -0.33 13.53 -19.28
N ILE A 74 -0.17 13.79 -17.98
CA ILE A 74 0.91 13.17 -17.23
C ILE A 74 0.77 11.66 -17.19
N PHE A 75 -0.44 11.17 -16.96
CA PHE A 75 -0.67 9.73 -16.95
C PHE A 75 -0.95 9.23 -18.36
N GLU A 76 -0.73 10.08 -19.36
CA GLU A 76 -0.94 9.70 -20.77
C GLU A 76 -2.24 8.94 -20.95
N LEU A 77 -3.35 9.65 -20.91
CA LEU A 77 -4.66 9.01 -20.99
C LEU A 77 -5.50 9.67 -22.05
N ASN A 78 -6.62 9.06 -22.39
CA ASN A 78 -7.53 9.66 -23.35
C ASN A 78 -8.05 10.93 -22.73
N PRO A 79 -8.42 11.92 -23.56
CA PRO A 79 -8.81 13.22 -22.99
C PRO A 79 -9.95 13.08 -22.00
N ARG A 80 -10.91 12.19 -22.23
CA ARG A 80 -11.94 11.99 -21.24
C ARG A 80 -11.36 11.16 -20.11
N SER A 81 -11.28 11.74 -18.91
CA SER A 81 -10.79 11.00 -17.75
C SER A 81 -11.74 9.87 -17.42
N ASN A 82 -13.04 10.14 -17.52
CA ASN A 82 -14.07 9.13 -17.24
C ASN A 82 -14.19 8.76 -15.77
N LEU A 83 -13.10 8.30 -15.17
CA LEU A 83 -13.12 7.90 -13.77
C LEU A 83 -12.87 9.11 -12.90
N SER A 84 -13.86 9.99 -12.81
CA SER A 84 -13.73 11.18 -11.98
C SER A 84 -13.80 10.79 -10.52
N HIS A 85 -13.48 11.73 -9.63
CA HIS A 85 -13.47 11.42 -8.22
C HIS A 85 -14.76 10.74 -7.86
N GLN A 86 -15.86 11.26 -8.36
CA GLN A 86 -17.16 10.67 -8.06
C GLN A 86 -17.11 9.19 -8.28
N HIS A 87 -16.75 8.77 -9.50
CA HIS A 87 -16.76 7.34 -9.82
C HIS A 87 -15.86 6.55 -8.89
N LEU A 88 -14.71 7.13 -8.55
CA LEU A 88 -13.78 6.45 -7.66
C LEU A 88 -14.37 6.25 -6.28
N PHE A 89 -15.01 7.30 -5.75
CA PHE A 89 -15.64 7.17 -4.46
C PHE A 89 -16.75 6.15 -4.53
N GLU A 90 -17.35 6.00 -5.70
CA GLU A 90 -18.42 5.03 -5.88
C GLU A 90 -17.93 3.59 -5.78
N ILE A 91 -16.90 3.26 -6.56
CA ILE A 91 -16.35 1.91 -6.54
C ILE A 91 -15.99 1.49 -5.14
N ALA A 92 -15.31 2.37 -4.42
CA ALA A 92 -14.90 2.06 -3.06
C ALA A 92 -16.13 1.77 -2.21
N GLY A 93 -17.20 2.52 -2.43
CA GLY A 93 -18.39 2.35 -1.64
C GLY A 93 -18.88 0.92 -1.70
N PHE A 94 -19.01 0.38 -2.90
CA PHE A 94 -19.55 -0.97 -3.05
C PHE A 94 -18.66 -2.00 -2.39
N LEU A 95 -17.36 -1.92 -2.64
CA LEU A 95 -16.43 -2.87 -2.05
C LEU A 95 -16.52 -2.76 -0.54
N GLY A 96 -16.67 -1.55 -0.05
CA GLY A 96 -16.77 -1.34 1.38
C GLY A 96 -17.94 -2.12 1.92
N ILE A 97 -19.08 -2.02 1.24
CA ILE A 97 -20.26 -2.70 1.71
C ILE A 97 -20.00 -4.19 1.77
N LEU A 98 -19.39 -4.75 0.73
CA LEU A 98 -19.14 -6.18 0.70
C LEU A 98 -18.24 -6.59 1.85
N TRP A 99 -17.15 -5.85 2.06
CA TRP A 99 -16.21 -6.19 3.11
C TRP A 99 -16.92 -6.17 4.45
N CYS A 100 -17.69 -5.12 4.69
CA CYS A 100 -18.37 -5.00 5.96
C CYS A 100 -19.27 -6.19 6.17
N LEU A 101 -20.03 -6.55 5.13
CA LEU A 101 -20.93 -7.68 5.25
C LEU A 101 -20.16 -8.95 5.55
N SER A 102 -19.05 -9.15 4.84
CA SER A 102 -18.26 -10.35 5.04
C SER A 102 -17.74 -10.45 6.45
N LEU A 103 -17.14 -9.37 6.95
CA LEU A 103 -16.58 -9.38 8.30
C LEU A 103 -17.67 -9.65 9.32
N LEU A 104 -18.80 -8.96 9.18
CA LEU A 104 -19.90 -9.13 10.11
C LEU A 104 -20.37 -10.56 10.11
N ALA A 105 -20.75 -11.06 8.93
CA ALA A 105 -21.25 -12.42 8.84
C ALA A 105 -20.33 -13.35 9.60
N CYS A 106 -19.03 -13.12 9.47
CA CYS A 106 -18.08 -13.97 10.15
C CYS A 106 -18.34 -13.90 11.63
N PHE A 107 -18.60 -12.70 12.15
CA PHE A 107 -18.83 -12.55 13.58
C PHE A 107 -19.98 -13.43 14.00
N PHE A 108 -21.12 -13.31 13.31
CA PHE A 108 -22.29 -14.09 13.70
C PHE A 108 -22.28 -15.43 13.03
N ALA A 109 -23.39 -16.16 13.02
CA ALA A 109 -23.43 -17.44 12.27
C ALA A 109 -24.84 -17.87 11.90
N PRO A 110 -25.52 -17.08 11.04
CA PRO A 110 -26.92 -17.38 10.74
C PRO A 110 -27.29 -18.68 10.01
N ILE A 111 -26.55 -19.06 8.97
CA ILE A 111 -26.95 -20.22 8.15
C ILE A 111 -27.01 -21.60 8.82
N SER A 112 -26.05 -21.92 9.68
CA SER A 112 -26.02 -23.20 10.42
C SER A 112 -25.69 -24.43 9.59
N VAL A 113 -25.17 -24.24 8.38
CA VAL A 113 -24.72 -25.37 7.56
C VAL A 113 -23.45 -24.86 6.93
N ILE A 114 -23.52 -23.68 6.30
CA ILE A 114 -22.32 -23.05 5.74
C ILE A 114 -21.21 -22.87 6.78
N PRO A 115 -19.99 -23.34 6.45
CA PRO A 115 -18.85 -23.18 7.35
C PRO A 115 -18.29 -21.77 7.31
N THR A 116 -17.65 -21.32 8.39
CA THR A 116 -17.14 -19.96 8.44
C THR A 116 -16.06 -19.69 7.41
N TYR A 117 -15.16 -20.64 7.18
CA TYR A 117 -14.04 -20.42 6.26
C TYR A 117 -14.47 -20.11 4.83
N VAL A 118 -15.75 -20.29 4.52
CA VAL A 118 -16.26 -19.95 3.20
C VAL A 118 -16.35 -18.44 2.99
N TYR A 119 -16.82 -17.71 3.99
CA TYR A 119 -17.01 -16.28 3.82
C TYR A 119 -15.76 -15.51 3.40
N PRO A 120 -14.63 -15.74 4.08
CA PRO A 120 -13.46 -14.93 3.74
C PRO A 120 -13.09 -15.04 2.26
N LEU A 121 -12.98 -16.26 1.74
CA LEU A 121 -12.59 -16.45 0.36
C LEU A 121 -13.60 -15.80 -0.54
N ALA A 122 -14.88 -16.06 -0.29
CA ALA A 122 -15.93 -15.43 -1.06
C ALA A 122 -15.64 -13.95 -1.26
N LEU A 123 -15.28 -13.27 -0.18
CA LEU A 123 -15.07 -11.83 -0.26
C LEU A 123 -14.08 -11.48 -1.35
N TYR A 124 -12.96 -12.18 -1.41
CA TYR A 124 -11.93 -11.85 -2.39
C TYR A 124 -12.27 -12.35 -3.77
N GLY A 125 -13.05 -13.44 -3.84
CA GLY A 125 -13.40 -14.00 -5.13
C GLY A 125 -14.11 -12.99 -5.99
N PHE A 126 -15.11 -12.33 -5.43
CA PHE A 126 -15.88 -11.35 -6.21
C PHE A 126 -14.97 -10.24 -6.68
N MET A 127 -14.07 -9.78 -5.82
CA MET A 127 -13.19 -8.69 -6.18
C MET A 127 -12.42 -9.03 -7.43
N VAL A 128 -11.85 -10.22 -7.48
CA VAL A 128 -11.07 -10.62 -8.63
C VAL A 128 -11.92 -10.55 -9.87
N PHE A 129 -13.13 -11.10 -9.79
CA PHE A 129 -14.00 -11.13 -10.96
C PHE A 129 -14.26 -9.74 -11.49
N PHE A 130 -14.67 -8.82 -10.62
CA PHE A 130 -15.01 -7.48 -11.07
C PHE A 130 -13.95 -6.96 -12.02
N LEU A 131 -12.69 -7.04 -11.61
CA LEU A 131 -11.62 -6.53 -12.43
C LEU A 131 -11.51 -7.31 -13.74
N ILE A 132 -11.72 -8.61 -13.67
CA ILE A 132 -11.56 -9.44 -14.87
C ILE A 132 -12.88 -9.68 -15.59
N ASN A 133 -13.89 -8.87 -15.29
CA ASN A 133 -15.18 -9.02 -15.95
C ASN A 133 -14.96 -9.24 -17.42
N PRO A 134 -15.40 -10.38 -17.93
CA PRO A 134 -15.23 -10.68 -19.35
C PRO A 134 -16.20 -9.87 -20.20
N THR A 135 -17.32 -9.46 -19.61
CA THR A 135 -18.33 -8.71 -20.35
C THR A 135 -18.05 -7.22 -20.31
N LYS A 136 -18.56 -6.49 -21.29
CA LYS A 136 -18.36 -5.05 -21.32
C LYS A 136 -19.35 -4.36 -20.40
N THR A 137 -19.22 -4.57 -19.10
CA THR A 137 -20.08 -3.90 -18.14
C THR A 137 -19.25 -3.38 -16.98
N PHE A 138 -19.77 -2.41 -16.24
CA PHE A 138 -19.05 -1.86 -15.09
C PHE A 138 -17.71 -1.14 -15.31
N TYR A 139 -17.71 -0.09 -16.14
CA TYR A 139 -16.51 0.69 -16.39
C TYR A 139 -15.55 -0.19 -17.17
N TYR A 140 -16.07 -1.07 -18.01
CA TYR A 140 -15.21 -2.00 -18.74
C TYR A 140 -14.06 -1.26 -19.36
N LYS A 141 -14.30 -0.04 -19.80
CA LYS A 141 -13.25 0.73 -20.44
C LYS A 141 -12.06 0.95 -19.52
N SER A 142 -12.31 1.17 -18.23
CA SER A 142 -11.21 1.46 -17.30
C SER A 142 -10.56 0.22 -16.71
N ARG A 143 -11.38 -0.73 -16.28
CA ARG A 143 -10.85 -1.93 -15.64
C ARG A 143 -9.84 -2.60 -16.55
N PHE A 144 -10.02 -2.45 -17.86
CA PHE A 144 -9.12 -3.08 -18.81
C PHE A 144 -7.78 -2.37 -18.83
N TRP A 145 -7.80 -1.05 -18.83
CA TRP A 145 -6.56 -0.29 -18.83
C TRP A 145 -5.69 -0.72 -17.68
N LEU A 146 -6.29 -0.83 -16.50
CA LEU A 146 -5.54 -1.23 -15.33
C LEU A 146 -4.92 -2.58 -15.55
N LEU A 147 -5.71 -3.53 -16.01
CA LEU A 147 -5.21 -4.88 -16.20
C LEU A 147 -3.99 -4.86 -17.12
N LYS A 148 -4.07 -4.07 -18.18
CA LYS A 148 -2.97 -4.01 -19.13
C LYS A 148 -1.67 -3.48 -18.53
N LEU A 149 -1.75 -2.36 -17.82
CA LEU A 149 -0.55 -1.77 -17.24
C LEU A 149 0.00 -2.67 -16.15
N LEU A 150 -0.88 -3.25 -15.35
CA LEU A 150 -0.43 -4.12 -14.29
C LEU A 150 0.55 -5.12 -14.85
N PHE A 151 0.22 -5.69 -15.99
CA PHE A 151 1.10 -6.66 -16.63
C PHE A 151 2.45 -6.05 -16.89
N ARG A 152 2.46 -4.92 -17.61
CA ARG A 152 3.72 -4.28 -17.95
C ARG A 152 4.61 -4.14 -16.72
N VAL A 153 4.01 -3.85 -15.57
CA VAL A 153 4.78 -3.67 -14.35
C VAL A 153 5.63 -4.89 -14.07
N PHE A 154 5.01 -6.06 -14.02
CA PHE A 154 5.75 -7.27 -13.66
C PHE A 154 6.57 -7.79 -14.83
N THR A 155 6.48 -7.12 -15.98
CA THR A 155 7.28 -7.51 -17.14
C THR A 155 8.17 -6.35 -17.55
N ALA A 156 8.52 -5.50 -16.60
CA ALA A 156 9.32 -4.30 -16.91
C ALA A 156 10.67 -4.60 -17.57
N PRO A 157 11.40 -5.60 -17.07
CA PRO A 157 12.68 -5.83 -17.74
C PRO A 157 12.45 -6.08 -19.22
N PHE A 158 11.23 -6.45 -19.59
CA PHE A 158 10.92 -6.75 -20.98
C PHE A 158 9.90 -5.77 -21.56
N HIS A 159 9.85 -4.56 -21.01
CA HIS A 159 8.91 -3.56 -21.46
C HIS A 159 9.48 -2.17 -21.26
N LYS A 160 9.25 -1.30 -22.22
CA LYS A 160 9.71 0.08 -22.11
C LYS A 160 8.98 0.80 -20.99
N VAL A 161 9.69 1.69 -20.31
CA VAL A 161 9.19 2.34 -19.11
C VAL A 161 8.38 3.57 -19.48
N GLY A 162 7.41 3.89 -18.61
CA GLY A 162 6.59 5.08 -18.75
C GLY A 162 6.15 5.54 -17.38
N PHE A 163 5.55 6.73 -17.35
CA PHE A 163 5.20 7.32 -16.05
C PHE A 163 4.18 6.47 -15.30
N ALA A 164 3.21 5.93 -16.01
CA ALA A 164 2.17 5.15 -15.35
C ALA A 164 2.78 3.88 -14.82
N ASP A 165 3.73 3.32 -15.57
CA ASP A 165 4.37 2.08 -15.17
C ASP A 165 5.18 2.30 -13.90
N PHE A 166 5.65 3.52 -13.70
CA PHE A 166 6.44 3.82 -12.51
C PHE A 166 5.54 4.21 -11.34
N TRP A 167 4.64 5.15 -11.58
CA TRP A 167 3.73 5.59 -10.54
C TRP A 167 3.10 4.40 -9.85
N LEU A 168 2.55 3.48 -10.64
CA LEU A 168 1.89 2.33 -10.05
C LEU A 168 2.90 1.56 -9.23
N ALA A 169 4.11 1.43 -9.74
CA ALA A 169 5.12 0.68 -9.04
C ALA A 169 5.33 1.25 -7.65
N ASP A 170 5.44 2.56 -7.56
CA ASP A 170 5.68 3.19 -6.27
C ASP A 170 4.52 2.99 -5.31
N GLN A 171 3.31 3.14 -5.81
CA GLN A 171 2.15 2.94 -4.96
C GLN A 171 2.21 1.54 -4.39
N LEU A 172 2.63 0.60 -5.21
CA LEU A 172 2.70 -0.78 -4.76
C LEU A 172 3.67 -0.88 -3.60
N ASN A 173 4.77 -0.14 -3.68
CA ASN A 173 5.77 -0.21 -2.62
C ASN A 173 5.14 0.15 -1.28
N SER A 174 4.29 1.17 -1.26
CA SER A 174 3.65 1.58 -0.01
C SER A 174 2.66 0.54 0.47
N LEU A 175 1.86 0.01 -0.45
CA LEU A 175 0.90 -1.02 -0.08
C LEU A 175 1.53 -2.40 -0.19
N SER A 176 2.09 -2.90 0.91
CA SER A 176 2.78 -4.18 0.85
C SER A 176 2.18 -5.20 1.81
N VAL A 177 1.60 -4.73 2.90
CA VAL A 177 1.06 -5.65 3.88
C VAL A 177 0.02 -6.56 3.24
N ILE A 178 -0.79 -6.00 2.35
CA ILE A 178 -1.81 -6.80 1.70
C ILE A 178 -1.16 -7.99 1.02
N LEU A 179 -0.13 -7.75 0.22
CA LEU A 179 0.57 -8.83 -0.44
C LEU A 179 0.89 -9.86 0.61
N MET A 180 1.61 -9.43 1.64
CA MET A 180 2.01 -10.37 2.66
C MET A 180 0.81 -11.09 3.23
N ASP A 181 -0.28 -10.34 3.40
CA ASP A 181 -1.49 -10.93 3.96
C ASP A 181 -1.97 -12.05 3.07
N LEU A 182 -2.05 -11.78 1.77
CA LEU A 182 -2.48 -12.80 0.84
C LEU A 182 -1.71 -14.06 1.12
N GLU A 183 -0.39 -13.94 1.14
CA GLU A 183 0.45 -15.10 1.38
C GLU A 183 -0.01 -15.84 2.62
N TYR A 184 -0.29 -15.08 3.68
CA TYR A 184 -0.73 -15.71 4.92
C TYR A 184 -2.01 -16.47 4.68
N MET A 185 -2.94 -15.88 3.95
CA MET A 185 -4.22 -16.53 3.73
C MET A 185 -4.00 -17.88 3.06
N ILE A 186 -3.24 -17.88 1.97
CA ILE A 186 -3.00 -19.13 1.25
C ILE A 186 -2.39 -20.15 2.16
N CYS A 187 -1.33 -19.74 2.86
CA CYS A 187 -0.63 -20.67 3.74
C CYS A 187 -1.52 -21.12 4.89
N PHE A 188 -2.31 -20.21 5.43
CA PHE A 188 -3.14 -20.56 6.58
C PHE A 188 -3.94 -21.83 6.34
N TYR A 189 -4.84 -21.79 5.36
CA TYR A 189 -5.68 -22.95 5.08
C TYR A 189 -4.89 -24.21 4.87
N SER A 190 -3.93 -24.17 3.96
CA SER A 190 -3.16 -25.35 3.62
C SER A 190 -2.52 -26.08 4.79
N LEU A 191 -2.00 -25.32 5.74
CA LEU A 191 -1.33 -25.95 6.87
C LEU A 191 -1.92 -25.68 8.25
N GLU A 192 -2.21 -26.76 9.00
CA GLU A 192 -2.75 -26.62 10.36
C GLU A 192 -4.10 -25.89 10.48
N LEU A 193 -4.85 -25.78 9.38
CA LEU A 193 -6.17 -25.17 9.48
C LEU A 193 -7.04 -26.41 9.56
N LYS A 194 -8.00 -26.41 10.46
CA LYS A 194 -8.87 -27.56 10.62
C LYS A 194 -10.07 -27.44 9.68
N TRP A 195 -9.93 -27.94 8.45
CA TRP A 195 -11.01 -27.83 7.48
C TRP A 195 -12.31 -28.40 8.05
N ASP A 196 -12.22 -29.19 9.11
CA ASP A 196 -13.42 -29.73 9.74
C ASP A 196 -14.18 -28.82 10.71
N GLU A 197 -13.47 -28.30 11.71
CA GLU A 197 -14.11 -27.42 12.69
C GLU A 197 -14.82 -26.24 12.03
N SER A 198 -16.02 -25.91 12.50
CA SER A 198 -16.78 -24.81 11.91
C SER A 198 -16.10 -23.47 12.09
N LYS A 199 -15.73 -23.13 13.31
CA LYS A 199 -15.12 -21.83 13.58
C LYS A 199 -13.74 -21.71 12.95
N GLY A 200 -12.95 -22.76 13.03
CA GLY A 200 -11.62 -22.74 12.43
C GLY A 200 -10.84 -21.47 12.71
N LEU A 201 -10.65 -21.15 13.99
CA LEU A 201 -9.88 -19.97 14.36
C LEU A 201 -9.02 -20.23 15.58
N LEU A 202 -9.06 -21.46 16.08
CA LEU A 202 -8.28 -21.80 17.26
C LEU A 202 -7.51 -23.12 17.15
N PRO A 203 -6.67 -23.26 16.11
CA PRO A 203 -5.85 -24.47 16.01
C PRO A 203 -4.44 -24.16 16.48
N ASN A 204 -3.92 -24.93 17.43
CA ASN A 204 -2.60 -24.62 17.98
C ASN A 204 -2.60 -23.15 18.36
N ASN A 205 -3.78 -22.59 18.59
CA ASN A 205 -3.88 -21.18 18.92
C ASN A 205 -3.12 -20.36 17.91
N SER A 206 -2.95 -20.89 16.71
CA SER A 206 -2.21 -20.19 15.65
C SER A 206 -0.88 -19.67 16.17
N GLU A 207 -0.36 -20.32 17.21
CA GLU A 207 0.90 -19.89 17.78
C GLU A 207 2.03 -20.66 17.15
N GLU A 208 2.19 -21.92 17.54
CA GLU A 208 3.22 -22.75 16.95
C GLU A 208 2.96 -22.89 15.47
N SER A 209 1.69 -23.01 15.11
CA SER A 209 1.33 -23.15 13.70
C SER A 209 1.43 -21.82 12.96
N GLY A 210 1.80 -20.77 13.67
CA GLY A 210 1.95 -19.46 13.05
C GLY A 210 3.14 -19.46 12.11
N ILE A 211 3.65 -20.64 11.81
CA ILE A 211 4.82 -20.75 10.93
C ILE A 211 4.59 -19.99 9.63
N CYS A 212 3.34 -19.88 9.20
CA CYS A 212 3.03 -19.18 7.97
C CYS A 212 3.56 -17.75 8.01
N HIS A 213 3.40 -17.09 9.14
CA HIS A 213 3.92 -15.72 9.27
C HIS A 213 5.36 -15.71 9.76
N LYS A 214 5.96 -16.89 9.88
CA LYS A 214 7.34 -16.97 10.36
C LYS A 214 8.32 -16.94 9.20
N TYR A 215 9.58 -17.30 9.45
CA TYR A 215 10.59 -17.21 8.41
C TYR A 215 11.38 -18.50 8.16
N THR A 216 10.73 -19.66 8.24
CA THR A 216 11.42 -20.91 7.95
C THR A 216 11.97 -20.89 6.53
N TYR A 217 11.13 -20.50 5.57
CA TYR A 217 11.59 -20.39 4.20
C TYR A 217 11.73 -18.92 3.88
N GLY A 218 11.47 -18.08 4.88
CA GLY A 218 11.55 -16.65 4.65
C GLY A 218 10.60 -16.27 3.55
N VAL A 219 9.55 -17.05 3.37
CA VAL A 219 8.61 -16.76 2.30
C VAL A 219 8.15 -15.32 2.44
N ARG A 220 7.79 -14.94 3.65
CA ARG A 220 7.36 -13.57 3.88
C ARG A 220 8.47 -12.60 3.56
N ALA A 221 9.70 -12.98 3.90
CA ALA A 221 10.83 -12.11 3.63
C ALA A 221 10.90 -11.82 2.15
N ILE A 222 10.81 -12.86 1.33
CA ILE A 222 10.89 -12.69 -0.11
C ILE A 222 9.74 -11.86 -0.64
N VAL A 223 8.52 -12.19 -0.24
CA VAL A 223 7.36 -11.48 -0.75
C VAL A 223 7.44 -10.02 -0.35
N GLN A 224 8.08 -9.74 0.78
CA GLN A 224 8.24 -8.36 1.22
C GLN A 224 9.19 -7.60 0.32
N CYS A 225 10.18 -8.30 -0.23
CA CYS A 225 11.13 -7.65 -1.12
C CYS A 225 10.60 -7.56 -2.55
N ILE A 226 9.55 -8.33 -2.84
CA ILE A 226 9.01 -8.34 -4.20
C ILE A 226 8.63 -6.93 -4.69
N PRO A 227 7.92 -6.16 -3.84
CA PRO A 227 7.59 -4.80 -4.26
C PRO A 227 8.83 -4.02 -4.69
N ALA A 228 9.91 -4.15 -3.93
CA ALA A 228 11.14 -3.42 -4.23
C ALA A 228 11.80 -3.94 -5.50
N TRP A 229 11.82 -5.24 -5.68
CA TRP A 229 12.51 -5.81 -6.82
C TRP A 229 12.00 -5.21 -8.10
N LEU A 230 10.69 -5.08 -8.22
CA LEU A 230 10.11 -4.56 -9.45
C LEU A 230 10.73 -3.23 -9.80
N ARG A 231 10.64 -2.27 -8.89
CA ARG A 231 11.17 -0.95 -9.17
C ARG A 231 12.66 -1.00 -9.41
N PHE A 232 13.38 -1.78 -8.61
CA PHE A 232 14.83 -1.82 -8.74
C PHE A 232 15.29 -2.23 -10.13
N ILE A 233 14.78 -3.35 -10.62
CA ILE A 233 15.17 -3.83 -11.94
C ILE A 233 14.73 -2.83 -12.99
N GLN A 234 13.58 -2.21 -12.77
CA GLN A 234 13.08 -1.21 -13.70
C GLN A 234 14.06 -0.07 -13.82
N CYS A 235 14.58 0.39 -12.69
CA CYS A 235 15.52 1.50 -12.68
C CYS A 235 16.76 1.18 -13.51
N LEU A 236 17.33 0.00 -13.31
CA LEU A 236 18.50 -0.40 -14.09
C LEU A 236 18.14 -0.42 -15.56
N ARG A 237 16.91 -0.82 -15.88
CA ARG A 237 16.47 -0.85 -17.27
C ARG A 237 16.58 0.52 -17.90
N ARG A 238 16.14 1.55 -17.19
CA ARG A 238 16.23 2.90 -17.72
C ARG A 238 17.67 3.29 -17.91
N TYR A 239 18.51 2.94 -16.94
CA TYR A 239 19.92 3.26 -17.03
C TYR A 239 20.46 2.69 -18.33
N ARG A 240 20.03 1.48 -18.64
CA ARG A 240 20.46 0.86 -19.89
C ARG A 240 19.89 1.63 -21.05
N ASP A 241 18.64 2.07 -20.95
CA ASP A 241 18.04 2.86 -22.03
C ASP A 241 18.84 4.14 -22.32
N THR A 242 19.24 4.86 -21.29
CA THR A 242 19.96 6.12 -21.48
C THR A 242 21.47 5.93 -21.46
N LYS A 243 21.94 4.69 -21.34
CA LYS A 243 23.38 4.37 -21.31
C LYS A 243 24.06 4.77 -20.00
N ARG A 244 24.04 6.05 -19.65
CA ARG A 244 24.61 6.48 -18.39
C ARG A 244 23.72 7.53 -17.76
N ALA A 245 23.66 7.57 -16.43
CA ALA A 245 22.78 8.51 -15.75
C ALA A 245 23.04 8.69 -14.27
N PHE A 246 22.99 9.93 -13.79
CA PHE A 246 23.12 10.18 -12.37
C PHE A 246 21.79 9.97 -11.67
N PRO A 247 20.71 10.56 -12.18
CA PRO A 247 19.45 10.46 -11.45
C PRO A 247 19.00 9.02 -11.30
N HIS A 248 19.23 8.19 -12.30
CA HIS A 248 18.75 6.81 -12.25
C HIS A 248 19.53 5.93 -11.29
N LEU A 249 20.77 5.62 -11.63
CA LEU A 249 21.55 4.73 -10.79
C LEU A 249 21.35 5.03 -9.32
N VAL A 250 21.45 6.30 -8.95
CA VAL A 250 21.35 6.64 -7.54
C VAL A 250 19.98 6.23 -6.99
N ASN A 251 18.93 6.46 -7.77
CA ASN A 251 17.59 6.14 -7.31
C ASN A 251 17.48 4.65 -7.05
N ALA A 252 18.05 3.86 -7.95
CA ALA A 252 17.99 2.43 -7.79
C ALA A 252 18.60 2.03 -6.46
N GLY A 253 19.74 2.64 -6.13
CA GLY A 253 20.40 2.31 -4.89
C GLY A 253 19.48 2.52 -3.71
N LYS A 254 18.68 3.58 -3.76
CA LYS A 254 17.77 3.87 -2.66
C LYS A 254 16.88 2.68 -2.38
N TYR A 255 16.32 2.09 -3.44
CA TYR A 255 15.47 0.92 -3.27
C TYR A 255 16.30 -0.27 -2.83
N SER A 256 17.56 -0.30 -3.23
CA SER A 256 18.43 -1.42 -2.91
C SER A 256 18.59 -1.62 -1.41
N THR A 257 18.57 -0.54 -0.66
CA THR A 257 18.80 -0.65 0.78
C THR A 257 17.79 -1.61 1.41
N THR A 258 16.60 -1.68 0.82
CA THR A 258 15.57 -2.55 1.38
C THR A 258 16.09 -3.96 1.47
N PHE A 259 16.79 -4.40 0.43
CA PHE A 259 17.29 -5.77 0.41
C PHE A 259 18.18 -6.06 1.60
N PHE A 260 19.17 -5.22 1.84
CA PHE A 260 20.08 -5.44 2.96
C PHE A 260 19.32 -5.47 4.27
N MET A 261 18.39 -4.54 4.45
CA MET A 261 17.62 -4.49 5.67
C MET A 261 16.88 -5.79 5.93
N VAL A 262 15.90 -6.11 5.08
CA VAL A 262 15.11 -7.31 5.28
C VAL A 262 16.00 -8.49 5.56
N THR A 263 17.07 -8.61 4.79
CA THR A 263 17.96 -9.75 4.94
C THR A 263 18.48 -9.88 6.35
N PHE A 264 19.14 -8.84 6.85
CA PHE A 264 19.70 -8.92 8.19
C PHE A 264 18.64 -9.16 9.25
N ALA A 265 17.56 -8.40 9.20
CA ALA A 265 16.48 -8.63 10.14
C ALA A 265 15.95 -10.05 10.02
N ALA A 266 15.85 -10.55 8.80
CA ALA A 266 15.32 -11.87 8.59
C ALA A 266 16.20 -12.93 9.23
N LEU A 267 17.49 -12.86 8.96
CA LEU A 267 18.42 -13.82 9.54
C LEU A 267 18.33 -13.68 11.03
N TYR A 268 18.22 -12.45 11.51
CA TYR A 268 18.12 -12.21 12.93
C TYR A 268 17.12 -13.15 13.60
N SER A 269 15.86 -13.08 13.19
CA SER A 269 14.85 -13.89 13.86
C SER A 269 15.10 -15.39 13.90
N THR A 270 15.56 -15.97 12.80
CA THR A 270 15.80 -17.42 12.79
C THR A 270 16.89 -17.80 13.80
N HIS A 271 17.93 -16.98 13.88
CA HIS A 271 19.02 -17.24 14.81
C HIS A 271 18.54 -17.22 16.26
N LYS A 272 17.64 -16.30 16.58
CA LYS A 272 17.12 -16.19 17.94
C LYS A 272 16.41 -17.46 18.39
N GLU A 273 15.65 -18.05 17.47
CA GLU A 273 14.93 -19.30 17.71
C GLU A 273 15.86 -20.49 17.98
N ARG A 274 17.03 -20.47 17.36
CA ARG A 274 18.02 -21.54 17.46
C ARG A 274 18.94 -21.45 18.68
N GLY A 275 18.67 -20.52 19.59
CA GLY A 275 19.52 -20.38 20.77
C GLY A 275 20.61 -19.35 20.59
N HIS A 276 20.50 -18.62 19.48
CA HIS A 276 21.39 -17.51 19.08
C HIS A 276 22.79 -17.90 18.62
N SER A 277 23.57 -18.54 19.51
CA SER A 277 24.95 -18.90 19.19
C SER A 277 25.68 -17.67 18.67
N ASP A 278 25.71 -16.65 19.52
CA ASP A 278 26.28 -15.32 19.21
C ASP A 278 25.58 -14.62 18.04
N THR A 279 24.25 -14.63 18.09
CA THR A 279 23.38 -13.99 17.10
C THR A 279 23.12 -12.52 17.40
N MET A 280 23.70 -12.02 18.49
CA MET A 280 23.56 -10.62 18.92
C MET A 280 24.10 -9.66 17.88
N VAL A 281 25.18 -10.03 17.22
CA VAL A 281 25.81 -9.20 16.21
C VAL A 281 24.85 -8.88 15.08
N PHE A 282 24.04 -9.85 14.64
CA PHE A 282 23.10 -9.57 13.58
C PHE A 282 22.11 -8.50 14.01
N PHE A 283 21.62 -8.59 15.24
CA PHE A 283 20.66 -7.62 15.74
C PHE A 283 21.16 -6.18 15.67
N TYR A 284 22.47 -6.02 15.51
CA TYR A 284 23.07 -4.69 15.43
C TYR A 284 23.05 -4.23 14.00
N LEU A 285 23.46 -5.10 13.09
CA LEU A 285 23.49 -4.74 11.68
C LEU A 285 22.11 -4.32 11.24
N TRP A 286 21.12 -5.13 11.56
CA TRP A 286 19.75 -4.82 11.19
C TRP A 286 19.46 -3.36 11.48
N ILE A 287 19.53 -2.99 12.74
CA ILE A 287 19.21 -1.64 13.13
C ILE A 287 20.07 -0.67 12.34
N VAL A 288 21.36 -0.99 12.23
CA VAL A 288 22.26 -0.12 11.51
C VAL A 288 21.76 0.16 10.10
N PHE A 289 21.55 -0.89 9.32
CA PHE A 289 21.11 -0.70 7.93
C PHE A 289 19.75 -0.01 7.86
N TYR A 290 18.88 -0.30 8.80
CA TYR A 290 17.55 0.28 8.78
C TYR A 290 17.69 1.79 8.81
N ILE A 291 18.56 2.29 9.67
CA ILE A 291 18.75 3.73 9.77
C ILE A 291 19.12 4.26 8.42
N ILE A 292 20.07 3.60 7.76
CA ILE A 292 20.49 4.04 6.45
C ILE A 292 19.29 4.08 5.52
N SER A 293 18.47 3.04 5.59
CA SER A 293 17.32 2.96 4.71
C SER A 293 16.36 4.10 4.96
N SER A 294 15.99 4.31 6.21
CA SER A 294 15.02 5.35 6.54
C SER A 294 15.52 6.71 6.08
N CYS A 295 16.79 6.98 6.30
CA CYS A 295 17.36 8.27 5.92
C CYS A 295 17.52 8.43 4.41
N TYR A 296 17.90 7.36 3.72
CA TYR A 296 18.14 7.45 2.29
C TYR A 296 16.90 7.94 1.57
N THR A 297 15.78 7.30 1.84
CA THR A 297 14.54 7.68 1.20
C THR A 297 14.20 9.13 1.53
N LEU A 298 14.10 9.44 2.82
CA LEU A 298 13.69 10.78 3.22
C LEU A 298 14.34 11.87 2.39
N ILE A 299 15.68 11.86 2.32
CA ILE A 299 16.38 12.90 1.59
C ILE A 299 15.90 12.96 0.14
N TRP A 300 15.72 11.79 -0.46
CA TRP A 300 15.24 11.75 -1.83
C TRP A 300 13.86 12.34 -1.93
N ASP A 301 13.00 12.01 -0.97
CA ASP A 301 11.62 12.49 -1.04
C ASP A 301 11.52 14.00 -1.04
N LEU A 302 12.22 14.66 -0.13
CA LEU A 302 12.10 16.11 -0.01
C LEU A 302 12.82 16.86 -1.14
N LYS A 303 13.84 16.24 -1.71
CA LYS A 303 14.62 16.92 -2.75
C LYS A 303 14.32 16.41 -4.15
N MET A 304 14.61 15.14 -4.41
CA MET A 304 14.38 14.57 -5.73
C MET A 304 12.91 14.48 -6.08
N ASP A 305 12.10 13.99 -5.16
CA ASP A 305 10.68 13.80 -5.46
C ASP A 305 9.64 14.91 -5.37
N TRP A 306 9.56 15.56 -4.22
CA TRP A 306 8.74 16.76 -4.10
C TRP A 306 9.40 17.94 -4.79
N GLY A 307 10.71 18.09 -4.61
CA GLY A 307 11.43 19.17 -5.25
C GLY A 307 11.49 20.41 -4.39
N LEU A 308 11.65 20.23 -3.09
CA LEU A 308 11.71 21.38 -2.18
C LEU A 308 13.15 21.77 -1.86
N PHE A 309 13.31 22.72 -0.94
CA PHE A 309 14.64 23.18 -0.57
C PHE A 309 15.42 23.57 -1.81
N ASP A 310 14.99 24.66 -2.46
CA ASP A 310 15.67 25.13 -3.66
C ASP A 310 16.25 26.53 -3.50
N LYS A 311 17.34 26.81 -4.19
CA LYS A 311 18.01 28.12 -4.09
C LYS A 311 17.18 29.30 -4.57
N ASN A 312 16.39 29.10 -5.61
CA ASN A 312 15.64 30.21 -6.21
C ASN A 312 14.64 30.93 -5.32
N ALA A 313 13.96 30.20 -4.43
CA ALA A 313 12.89 30.81 -3.63
C ALA A 313 13.28 31.85 -2.60
N GLY A 314 13.55 33.07 -3.04
CA GLY A 314 13.81 34.12 -2.08
C GLY A 314 12.55 34.35 -1.27
N GLU A 315 11.41 34.34 -1.94
CA GLU A 315 10.14 34.56 -1.27
C GLU A 315 9.77 33.49 -0.25
N ASN A 316 9.98 32.23 -0.59
CA ASN A 316 9.55 31.16 0.31
C ASN A 316 10.73 30.41 0.93
N THR A 317 10.82 30.43 2.25
CA THR A 317 11.89 29.69 2.92
C THR A 317 11.63 28.19 2.86
N PHE A 318 12.68 27.41 2.65
CA PHE A 318 12.56 25.94 2.63
C PHE A 318 11.63 25.33 1.57
N LEU A 319 11.03 26.15 0.72
CA LEU A 319 10.18 25.63 -0.35
C LEU A 319 10.66 26.10 -1.72
N ARG A 320 10.04 25.57 -2.76
CA ARG A 320 10.43 25.96 -4.12
C ARG A 320 9.94 27.36 -4.45
N GLU A 321 10.41 27.91 -5.56
CA GLU A 321 10.01 29.25 -5.95
C GLU A 321 8.54 29.37 -6.25
N GLU A 322 8.00 28.43 -7.04
CA GLU A 322 6.59 28.50 -7.42
C GLU A 322 5.78 27.34 -6.85
N ILE A 323 4.78 27.64 -6.02
CA ILE A 323 3.92 26.60 -5.47
C ILE A 323 2.52 26.71 -6.06
N VAL A 324 1.70 25.67 -5.92
CA VAL A 324 0.38 25.68 -6.54
C VAL A 324 -0.76 25.34 -5.59
N TYR A 325 -0.45 24.68 -4.49
CA TYR A 325 -1.47 24.41 -3.49
C TYR A 325 -1.52 25.69 -2.69
N PRO A 326 -2.62 26.46 -2.81
CA PRO A 326 -2.70 27.78 -2.16
C PRO A 326 -2.36 28.28 -0.77
N GLN A 327 -2.30 27.39 0.19
CA GLN A 327 -1.89 27.79 1.53
C GLN A 327 -0.50 27.24 1.76
N LYS A 328 0.44 28.10 2.10
CA LYS A 328 1.81 27.66 2.32
C LYS A 328 1.93 26.73 3.50
N ALA A 329 0.97 26.80 4.43
CA ALA A 329 1.05 25.98 5.63
C ALA A 329 1.11 24.50 5.32
N TYR A 330 0.39 24.05 4.30
CA TYR A 330 0.35 22.62 4.01
C TYR A 330 1.75 22.10 3.72
N TYR A 331 2.54 22.85 2.96
CA TYR A 331 3.86 22.37 2.58
C TYR A 331 4.74 22.16 3.80
N TYR A 332 4.71 23.11 4.73
CA TYR A 332 5.52 22.99 5.94
C TYR A 332 5.07 21.80 6.76
N CYS A 333 3.76 21.62 6.87
CA CYS A 333 3.23 20.52 7.64
C CYS A 333 3.63 19.18 7.05
N ALA A 334 3.63 19.09 5.72
CA ALA A 334 3.98 17.85 5.07
C ALA A 334 5.40 17.45 5.38
N ILE A 335 6.31 18.42 5.41
CA ILE A 335 7.70 18.08 5.63
C ILE A 335 7.89 17.43 6.99
N ILE A 336 7.30 18.00 8.03
CA ILE A 336 7.40 17.36 9.34
C ILE A 336 6.71 16.00 9.40
N GLU A 337 5.55 15.88 8.76
CA GLU A 337 4.82 14.62 8.77
C GLU A 337 5.60 13.52 8.09
N ASP A 338 6.24 13.85 6.98
CA ASP A 338 6.98 12.83 6.23
C ASP A 338 8.09 12.26 7.09
N VAL A 339 8.80 13.13 7.81
CA VAL A 339 9.91 12.65 8.61
C VAL A 339 9.40 11.69 9.67
N ILE A 340 8.30 12.05 10.33
CA ILE A 340 7.78 11.19 11.38
C ILE A 340 7.34 9.84 10.83
N LEU A 341 6.66 9.85 9.69
CA LEU A 341 6.19 8.61 9.08
C LEU A 341 7.32 7.69 8.63
N ARG A 342 8.36 8.25 8.04
CA ARG A 342 9.49 7.44 7.60
C ARG A 342 10.18 6.79 8.78
N PHE A 343 10.31 7.54 9.88
CA PHE A 343 11.01 7.01 11.05
C PHE A 343 10.06 6.41 12.05
N ALA A 344 8.88 5.98 11.60
CA ALA A 344 7.88 5.42 12.50
C ALA A 344 8.33 4.19 13.27
N TRP A 345 9.16 3.35 12.65
CA TRP A 345 9.56 2.10 13.29
C TRP A 345 10.30 2.30 14.61
N THR A 346 10.93 3.45 14.81
CA THR A 346 11.68 3.68 16.02
C THR A 346 10.72 3.57 17.19
N ILE A 347 9.53 4.13 17.03
CA ILE A 347 8.53 4.04 18.08
C ILE A 347 8.17 2.59 18.27
N GLN A 348 8.02 1.85 17.17
CA GLN A 348 7.62 0.46 17.28
C GLN A 348 8.66 -0.37 17.99
N ILE A 349 9.93 -0.15 17.69
CA ILE A 349 10.98 -0.97 18.28
C ILE A 349 11.03 -0.77 19.81
N SER A 350 10.88 0.46 20.27
CA SER A 350 10.86 0.72 21.70
C SER A 350 9.67 0.04 22.36
N ILE A 351 8.52 0.10 21.69
CA ILE A 351 7.31 -0.48 22.27
C ILE A 351 7.29 -2.02 22.19
N THR A 352 8.15 -2.60 21.36
CA THR A 352 8.20 -4.05 21.31
C THR A 352 8.65 -4.58 22.68
N SER A 353 9.61 -3.91 23.31
CA SER A 353 10.06 -4.32 24.64
C SER A 353 8.95 -4.24 25.69
N THR A 354 8.06 -3.25 25.58
CA THR A 354 6.97 -3.10 26.52
C THR A 354 6.08 -4.33 26.49
N PRO A 358 1.00 -9.77 25.69
CA PRO A 358 1.20 -11.09 25.10
C PRO A 358 1.49 -10.99 23.60
N HIS A 359 0.46 -10.75 22.79
CA HIS A 359 0.67 -10.59 21.36
C HIS A 359 1.13 -9.18 21.07
N SER A 360 2.28 -8.80 21.62
CA SER A 360 2.79 -7.46 21.42
C SER A 360 3.29 -7.28 19.99
N GLY A 361 3.38 -6.03 19.55
CA GLY A 361 3.87 -5.75 18.21
C GLY A 361 2.85 -6.01 17.14
N ASP A 362 2.14 -7.13 17.24
CA ASP A 362 1.12 -7.45 16.27
C ASP A 362 0.22 -6.25 16.14
N ILE A 363 -0.21 -5.72 17.28
CA ILE A 363 -1.06 -4.54 17.26
C ILE A 363 -0.31 -3.36 16.67
N ILE A 364 0.97 -3.26 16.99
CA ILE A 364 1.78 -2.15 16.49
C ILE A 364 1.79 -2.18 14.98
N ALA A 365 2.01 -3.36 14.40
CA ALA A 365 2.02 -3.49 12.96
C ALA A 365 0.71 -3.00 12.39
N THR A 366 -0.39 -3.48 12.95
CA THR A 366 -1.72 -3.11 12.47
C THR A 366 -1.93 -1.60 12.47
N VAL A 367 -1.68 -0.94 13.58
CA VAL A 367 -1.94 0.51 13.66
C VAL A 367 -1.09 1.34 12.70
N PHE A 368 0.17 0.97 12.53
CA PHE A 368 1.05 1.68 11.61
C PHE A 368 0.65 1.59 10.13
N ALA A 369 0.10 0.46 9.71
CA ALA A 369 -0.19 0.28 8.29
C ALA A 369 -1.14 1.27 7.61
N PRO A 370 -2.25 1.66 8.26
CA PRO A 370 -3.08 2.67 7.60
C PRO A 370 -2.30 3.97 7.41
N LEU A 371 -1.49 4.34 8.39
CA LEU A 371 -0.71 5.56 8.31
C LEU A 371 0.27 5.50 7.15
N GLU A 372 0.86 4.33 6.92
CA GLU A 372 1.77 4.18 5.78
C GLU A 372 1.10 4.62 4.48
N VAL A 373 -0.13 4.17 4.26
CA VAL A 373 -0.84 4.53 3.03
C VAL A 373 -1.12 6.02 2.98
N PHE A 374 -1.41 6.63 4.13
CA PHE A 374 -1.66 8.06 4.17
C PHE A 374 -0.43 8.83 3.73
N ARG A 375 0.74 8.34 4.07
CA ARG A 375 1.96 9.00 3.65
C ARG A 375 2.00 9.05 2.14
N ARG A 376 1.66 7.93 1.51
CA ARG A 376 1.64 7.90 0.05
C ARG A 376 0.59 8.86 -0.46
N PHE A 377 -0.52 8.97 0.25
CA PHE A 377 -1.58 9.89 -0.14
C PHE A 377 -1.05 11.30 -0.19
N VAL A 378 -0.32 11.70 0.84
CA VAL A 378 0.26 13.03 0.85
C VAL A 378 1.28 13.15 -0.25
N TRP A 379 2.10 12.11 -0.41
CA TRP A 379 3.16 12.16 -1.42
C TRP A 379 2.64 12.38 -2.82
N ASN A 380 1.51 11.76 -3.15
CA ASN A 380 1.00 11.86 -4.50
C ASN A 380 0.86 13.31 -4.92
N PHE A 381 0.24 14.12 -4.07
CA PHE A 381 0.02 15.51 -4.41
C PHE A 381 1.28 16.14 -4.92
N PHE A 382 2.31 16.16 -4.09
CA PHE A 382 3.54 16.84 -4.47
C PHE A 382 4.28 16.27 -5.68
N ARG A 383 4.32 14.95 -5.80
CA ARG A 383 5.05 14.36 -6.91
C ARG A 383 4.43 14.77 -8.23
N LEU A 384 3.11 14.73 -8.31
CA LEU A 384 2.44 15.14 -9.54
C LEU A 384 2.66 16.61 -9.83
N GLU A 385 2.63 17.42 -8.78
CA GLU A 385 2.84 18.85 -8.97
C GLU A 385 4.21 19.11 -9.53
N ASN A 386 5.22 18.44 -8.99
CA ASN A 386 6.58 18.65 -9.45
C ASN A 386 6.70 18.22 -10.89
N GLU A 387 6.08 17.11 -11.23
CA GLU A 387 6.19 16.60 -12.59
C GLU A 387 5.61 17.60 -13.57
N HIS A 388 4.47 18.17 -13.21
CA HIS A 388 3.84 19.14 -14.08
C HIS A 388 4.68 20.39 -14.25
N LEU A 389 5.19 20.93 -13.16
CA LEU A 389 6.00 22.15 -13.22
C LEU A 389 7.39 22.03 -13.83
N ASN A 390 8.14 21.00 -13.47
CA ASN A 390 9.53 20.92 -13.94
C ASN A 390 9.99 19.71 -14.72
N ASN A 391 9.11 18.76 -15.05
CA ASN A 391 9.54 17.52 -15.71
C ASN A 391 10.63 16.97 -14.83
N CYS A 392 10.39 16.93 -13.53
CA CYS A 392 11.43 16.55 -12.58
C CYS A 392 12.10 15.20 -12.59
N GLY A 393 11.32 14.14 -12.84
CA GLY A 393 11.89 12.80 -12.96
C GLY A 393 12.65 12.80 -14.27
N GLU A 394 13.21 11.67 -14.69
CA GLU A 394 13.97 11.76 -15.92
C GLU A 394 12.96 12.24 -16.94
N PHE A 395 13.33 13.28 -17.68
CA PHE A 395 12.38 13.90 -18.59
C PHE A 395 11.66 13.00 -19.58
N ARG A 396 10.38 12.72 -19.33
CA ARG A 396 9.65 11.98 -20.35
C ARG A 396 9.06 12.87 -21.42
N ALA A 397 8.50 14.00 -21.01
CA ALA A 397 7.96 14.94 -21.97
C ALA A 397 9.07 15.57 -22.78
N VAL A 398 8.82 15.86 -24.06
CA VAL A 398 9.83 16.48 -24.92
C VAL A 398 11.19 15.83 -24.79
#